data_3P40
#
_entry.id   3P40
#
_cell.length_a   94.508
_cell.length_b   94.508
_cell.length_c   126.723
_cell.angle_alpha   90.00
_cell.angle_beta   90.00
_cell.angle_gamma   120.00
#
_symmetry.space_group_name_H-M   'P 32 2 1'
#
loop_
_entity.id
_entity.type
_entity.pdbx_description
1 polymer Neurofascin
2 non-polymer 2-acetamido-2-deoxy-beta-D-glucopyranose
3 water water
#
_entity_poly.entity_id   1
_entity_poly.type   'polypeptide(L)'
_entity_poly.pdbx_seq_one_letter_code
;IEIPMDPSIQNELTQPPTITKQSAKDHIVDPRDNILIECEAKGNPAPSFHWTRNSRFFNIAKDPRVSMRRRSGTLVIDFR
SGGRPEEYEGEYQCFARNKFGTALSNRIRLQVSKSPLWPKENLDPVVVQEGAPLTLQCNPPPGLPSPVIFWMSSSMEPIT
QDKRVSQGHNGDLYFSNVMLQDMQTDYSCNARFHFTHTIQQKNPFTLKVLTTRGVAERTPSFMYPQGTASSQMVLRGMDL
LLECIASGVPTPDIAWYKKGGDLPSDKAKFENFNKALRITNVSEEDSGEYFCLASNKMGSIRHTISVRVKAAPYWLDEPK
NLILAPGEDGRLVCRANGNPKPTVQWMVNGEPLQSAPPNPNREVAGDTIIFRDTQISSRAVYQCNTSNEHGYLLANAFVS
VLDV
;
_entity_poly.pdbx_strand_id   A
#
loop_
_chem_comp.id
_chem_comp.type
_chem_comp.name
_chem_comp.formula
NAG D-saccharide, beta linking 2-acetamido-2-deoxy-beta-D-glucopyranose 'C8 H15 N O6'
#
# COMPACT_ATOMS: atom_id res chain seq x y z
N LEU A 13 17.30 -31.45 14.46
CA LEU A 13 18.66 -31.98 14.14
C LEU A 13 18.83 -32.24 12.64
N THR A 14 20.04 -31.98 12.14
CA THR A 14 20.40 -32.13 10.72
C THR A 14 19.29 -31.69 9.78
N GLN A 15 19.11 -30.37 9.70
CA GLN A 15 18.05 -29.84 8.85
C GLN A 15 18.39 -28.53 8.19
N PRO A 16 17.82 -28.31 7.00
CA PRO A 16 18.01 -27.09 6.21
C PRO A 16 17.36 -25.90 6.92
N PRO A 17 17.82 -24.68 6.60
CA PRO A 17 17.33 -23.40 7.16
C PRO A 17 15.81 -23.12 7.11
N THR A 18 15.29 -22.44 8.13
CA THR A 18 13.86 -22.07 8.20
C THR A 18 13.73 -20.67 8.74
N ILE A 19 13.43 -19.65 7.92
CA ILE A 19 13.32 -18.29 8.46
C ILE A 19 12.17 -18.06 9.42
N THR A 20 12.50 -17.50 10.58
CA THR A 20 11.51 -17.27 11.62
C THR A 20 10.88 -15.90 11.59
N LYS A 21 11.71 -14.87 11.42
CA LYS A 21 11.20 -13.50 11.44
C LYS A 21 12.03 -12.60 10.51
N GLN A 22 11.38 -11.67 9.85
CA GLN A 22 12.08 -10.79 8.93
C GLN A 22 11.35 -9.47 8.84
N SER A 23 11.99 -8.48 8.22
CA SER A 23 11.37 -7.18 8.08
C SER A 23 10.33 -7.13 6.98
N ALA A 24 9.49 -6.09 7.00
CA ALA A 24 8.41 -5.91 6.00
C ALA A 24 8.91 -5.66 4.58
N LYS A 25 8.06 -5.90 3.57
CA LYS A 25 8.50 -5.68 2.20
C LYS A 25 8.75 -4.20 1.93
N ASP A 26 7.86 -3.35 2.42
CA ASP A 26 7.99 -1.92 2.25
C ASP A 26 8.51 -1.40 3.60
N HIS A 27 9.83 -1.34 3.71
CA HIS A 27 10.51 -0.92 4.91
C HIS A 27 10.81 0.56 4.82
N ILE A 28 9.96 1.37 5.45
CA ILE A 28 10.17 2.80 5.44
C ILE A 28 10.64 3.21 6.84
N VAL A 29 11.65 4.08 6.89
CA VAL A 29 12.22 4.58 8.15
C VAL A 29 12.53 6.08 8.10
N ASP A 30 12.54 6.73 9.27
CA ASP A 30 12.85 8.16 9.29
C ASP A 30 14.34 8.39 9.47
N PRO A 31 14.82 9.60 9.10
CA PRO A 31 16.21 10.03 9.17
C PRO A 31 16.65 10.20 10.61
N ARG A 32 15.69 10.50 11.47
CA ARG A 32 15.95 10.67 12.89
C ARG A 32 16.64 9.42 13.49
N ASP A 33 16.01 8.24 13.36
CA ASP A 33 16.55 6.97 13.90
C ASP A 33 17.60 6.27 13.04
N ASN A 34 18.04 5.10 13.51
CA ASN A 34 19.04 4.27 12.82
C ASN A 34 18.38 3.13 12.03
N ILE A 35 19.13 2.47 11.15
CA ILE A 35 18.62 1.36 10.34
C ILE A 35 18.63 0.03 11.05
N LEU A 36 17.54 -0.70 10.98
CA LEU A 36 17.49 -2.00 11.64
C LEU A 36 16.77 -3.01 10.77
N ILE A 37 17.51 -3.62 9.85
CA ILE A 37 16.97 -4.62 8.95
C ILE A 37 17.03 -5.98 9.67
N GLU A 38 15.92 -6.68 9.78
CA GLU A 38 15.89 -7.96 10.49
C GLU A 38 15.87 -9.20 9.59
N CYS A 39 16.26 -10.34 10.17
CA CYS A 39 16.33 -11.60 9.45
C CYS A 39 16.76 -12.72 10.41
N GLU A 40 15.81 -13.35 11.09
CA GLU A 40 16.15 -14.44 12.02
C GLU A 40 15.93 -15.81 11.41
N ALA A 41 16.86 -16.73 11.69
CA ALA A 41 16.78 -18.08 11.16
C ALA A 41 16.46 -19.18 12.19
N LYS A 42 16.72 -20.42 11.79
CA LYS A 42 16.44 -21.60 12.62
C LYS A 42 16.93 -22.89 11.92
N GLY A 43 17.60 -23.74 12.68
CA GLY A 43 18.13 -24.99 12.16
C GLY A 43 19.33 -25.42 12.99
N ASN A 44 19.53 -26.72 13.21
CA ASN A 44 20.66 -27.14 14.03
C ASN A 44 22.05 -26.92 13.37
N PRO A 45 22.21 -27.24 12.07
CA PRO A 45 23.55 -26.94 11.54
C PRO A 45 23.60 -25.41 11.38
N ALA A 46 24.12 -24.73 12.39
CA ALA A 46 24.23 -23.26 12.43
C ALA A 46 24.20 -22.53 11.09
N PRO A 47 23.12 -21.79 10.82
CA PRO A 47 22.98 -21.05 9.55
C PRO A 47 23.86 -19.79 9.49
N SER A 48 24.52 -19.58 8.36
CA SER A 48 25.35 -18.41 8.16
C SER A 48 24.58 -17.50 7.19
N PHE A 49 24.66 -16.18 7.37
CA PHE A 49 23.90 -15.27 6.50
C PHE A 49 24.66 -14.34 5.59
N HIS A 50 24.01 -13.89 4.54
CA HIS A 50 24.64 -12.93 3.64
C HIS A 50 23.56 -12.23 2.77
N TRP A 51 23.59 -10.89 2.76
CA TRP A 51 22.58 -10.14 2.05
C TRP A 51 22.97 -9.82 0.63
N THR A 52 22.14 -9.05 -0.05
CA THR A 52 22.39 -8.68 -1.43
C THR A 52 21.75 -7.35 -1.78
N ARG A 53 22.43 -6.26 -1.44
CA ARG A 53 21.94 -4.91 -1.71
C ARG A 53 21.66 -4.86 -3.19
N ASN A 54 20.39 -4.79 -3.56
CA ASN A 54 19.96 -4.75 -4.96
C ASN A 54 20.25 -6.11 -5.60
N SER A 55 20.54 -6.12 -6.90
CA SER A 55 20.80 -7.38 -7.59
C SER A 55 22.28 -7.81 -7.56
N ARG A 56 22.96 -7.45 -6.48
CA ARG A 56 24.37 -7.77 -6.29
C ARG A 56 24.71 -8.05 -4.83
N PHE A 57 25.90 -8.60 -4.61
CA PHE A 57 26.36 -8.95 -3.25
C PHE A 57 26.63 -7.79 -2.32
N PHE A 58 26.26 -7.97 -1.06
CA PHE A 58 26.45 -6.92 -0.06
C PHE A 58 27.64 -7.26 0.87
N ASN A 59 28.60 -6.34 0.98
CA ASN A 59 29.76 -6.57 1.85
C ASN A 59 29.63 -5.92 3.23
N ILE A 60 29.48 -6.76 4.26
CA ILE A 60 29.36 -6.32 5.65
C ILE A 60 30.67 -5.75 6.22
N ALA A 61 31.79 -6.37 5.82
CA ALA A 61 33.11 -5.96 6.29
C ALA A 61 33.62 -4.69 5.62
N LYS A 62 33.59 -4.67 4.28
CA LYS A 62 34.06 -3.52 3.52
C LYS A 62 33.41 -2.21 3.94
N ASP A 63 32.31 -2.30 4.70
CA ASP A 63 31.66 -1.08 5.19
C ASP A 63 31.69 -1.15 6.71
N PRO A 64 32.25 -0.10 7.35
CA PRO A 64 32.42 0.09 8.79
C PRO A 64 31.17 0.15 9.68
N ARG A 65 30.24 1.04 9.35
CA ARG A 65 29.02 1.22 10.14
C ARG A 65 28.04 0.07 10.12
N VAL A 66 28.14 -0.77 9.11
CA VAL A 66 27.25 -1.93 8.97
C VAL A 66 27.83 -3.14 9.71
N SER A 67 26.94 -3.96 10.29
CA SER A 67 27.38 -5.13 11.04
C SER A 67 26.30 -6.20 11.21
N MET A 68 26.65 -7.46 11.01
CA MET A 68 25.64 -8.50 11.20
C MET A 68 25.37 -8.69 12.69
N ARG A 69 24.80 -9.83 13.06
CA ARG A 69 24.51 -10.08 14.48
C ARG A 69 24.90 -11.49 14.90
N ARG A 70 25.00 -11.72 16.20
CA ARG A 70 25.39 -13.01 16.75
C ARG A 70 24.55 -14.20 16.24
N ARG A 71 23.50 -14.56 16.98
CA ARG A 71 22.64 -15.70 16.61
C ARG A 71 21.62 -15.39 15.52
N SER A 72 22.05 -14.67 14.47
CA SER A 72 21.18 -14.31 13.36
C SER A 72 21.93 -13.50 12.29
N GLY A 73 21.18 -13.06 11.29
CA GLY A 73 21.74 -12.28 10.21
C GLY A 73 21.16 -10.87 10.20
N THR A 74 20.43 -10.54 11.27
CA THR A 74 19.83 -9.22 11.39
C THR A 74 20.88 -8.15 11.07
N LEU A 75 20.45 -6.89 10.89
CA LEU A 75 21.41 -5.81 10.63
C LEU A 75 21.13 -4.68 11.58
N VAL A 76 22.18 -3.91 11.86
CA VAL A 76 22.08 -2.74 12.74
C VAL A 76 23.12 -1.79 12.18
N ILE A 77 22.62 -0.71 11.62
CA ILE A 77 23.46 0.29 10.99
C ILE A 77 23.17 1.69 11.51
N ASP A 78 23.96 2.13 12.50
CA ASP A 78 23.82 3.49 13.08
C ASP A 78 24.92 4.41 12.54
N PHE A 79 24.53 5.64 12.21
CA PHE A 79 25.45 6.62 11.64
C PHE A 79 25.92 7.61 12.71
N ARG A 80 27.07 7.33 13.31
CA ARG A 80 27.59 8.20 14.35
C ARG A 80 28.63 9.15 13.80
N SER A 81 29.42 8.64 12.86
CA SER A 81 30.46 9.41 12.19
C SER A 81 29.79 10.35 11.20
N GLY A 82 29.37 9.75 10.09
CA GLY A 82 28.68 10.47 9.04
C GLY A 82 27.55 9.60 8.54
N GLY A 83 27.57 9.28 7.26
CA GLY A 83 26.54 8.42 6.69
C GLY A 83 25.10 8.89 6.67
N ARG A 84 24.62 9.17 5.46
CA ARG A 84 23.26 9.63 5.23
C ARG A 84 22.39 8.40 4.89
N PRO A 85 21.24 8.23 5.58
CA PRO A 85 20.41 7.06 5.25
C PRO A 85 19.86 7.12 3.82
N GLU A 86 19.92 8.26 3.17
CA GLU A 86 19.42 8.36 1.80
C GLU A 86 20.32 7.56 0.84
N GLU A 87 21.52 7.20 1.29
CA GLU A 87 22.47 6.46 0.46
C GLU A 87 22.37 4.95 0.68
N TYR A 88 21.35 4.53 1.42
CA TYR A 88 21.11 3.11 1.71
C TYR A 88 19.76 2.62 1.12
N GLU A 89 19.18 3.38 0.20
CA GLU A 89 17.93 2.97 -0.42
C GLU A 89 18.19 1.83 -1.40
N GLY A 90 17.15 1.00 -1.65
CA GLY A 90 17.29 -0.13 -2.55
C GLY A 90 16.65 -1.40 -2.01
N GLU A 91 16.73 -2.48 -2.77
CA GLU A 91 16.14 -3.75 -2.35
C GLU A 91 17.13 -4.61 -1.57
N TYR A 92 16.68 -5.30 -0.55
CA TYR A 92 17.59 -6.11 0.22
C TYR A 92 17.08 -7.52 0.34
N GLN A 93 17.89 -8.53 0.04
CA GLN A 93 17.45 -9.92 0.21
C GLN A 93 18.38 -10.70 1.17
N CYS A 94 17.81 -11.33 2.19
CA CYS A 94 18.63 -12.08 3.13
C CYS A 94 18.80 -13.52 2.63
N PHE A 95 19.96 -14.14 2.90
CA PHE A 95 20.18 -15.54 2.51
C PHE A 95 20.67 -16.42 3.69
N ALA A 96 19.82 -17.26 4.28
CA ALA A 96 20.31 -18.14 5.38
C ALA A 96 20.80 -19.48 4.73
N ARG A 97 22.13 -19.63 4.66
CA ARG A 97 22.80 -20.79 4.07
C ARG A 97 23.16 -21.94 5.01
N ASN A 98 23.21 -23.15 4.46
CA ASN A 98 23.50 -24.38 5.21
C ASN A 98 24.16 -25.36 4.22
N LYS A 99 24.76 -26.43 4.72
CA LYS A 99 25.43 -27.39 3.83
C LYS A 99 24.44 -28.02 2.88
N PHE A 100 23.17 -28.00 3.28
CA PHE A 100 22.11 -28.63 2.49
C PHE A 100 21.39 -27.73 1.49
N GLY A 101 21.04 -26.52 1.94
CA GLY A 101 20.35 -25.58 1.08
C GLY A 101 20.41 -24.16 1.57
N THR A 102 19.89 -23.24 0.76
CA THR A 102 19.87 -21.81 1.08
C THR A 102 18.43 -21.22 1.08
N ALA A 103 18.07 -20.54 2.17
CA ALA A 103 16.75 -19.91 2.36
C ALA A 103 16.68 -18.49 1.82
N LEU A 104 15.51 -18.04 1.36
CA LEU A 104 15.41 -16.68 0.88
C LEU A 104 14.36 -15.83 1.60
N SER A 105 14.56 -14.52 1.61
CA SER A 105 13.62 -13.59 2.26
C SER A 105 13.08 -12.67 1.20
N ASN A 106 11.93 -12.05 1.49
CA ASN A 106 11.26 -11.14 0.55
C ASN A 106 12.18 -10.00 0.17
N ARG A 107 12.28 -9.61 -1.10
CA ARG A 107 13.17 -8.48 -1.45
C ARG A 107 12.67 -7.17 -0.80
N ILE A 108 13.22 -6.84 0.37
CA ILE A 108 12.86 -5.67 1.12
C ILE A 108 13.24 -4.35 0.51
N ARG A 109 12.25 -3.48 0.24
CA ARG A 109 12.51 -2.18 -0.36
C ARG A 109 12.78 -1.15 0.74
N LEU A 110 14.05 -0.90 1.09
CA LEU A 110 14.37 0.09 2.13
C LEU A 110 14.23 1.51 1.64
N GLN A 111 13.38 2.29 2.32
CA GLN A 111 13.18 3.69 1.94
C GLN A 111 13.05 4.61 3.14
N VAL A 112 13.38 5.89 2.94
CA VAL A 112 13.32 6.89 4.01
C VAL A 112 12.15 7.79 3.83
N SER A 113 11.53 8.12 4.96
CA SER A 113 10.36 9.00 5.00
C SER A 113 10.72 10.41 4.55
N LYS A 114 9.87 11.00 3.71
CA LYS A 114 10.14 12.34 3.22
C LYS A 114 9.08 13.36 3.61
N SER A 115 9.51 14.56 3.96
CA SER A 115 8.60 15.63 4.30
C SER A 115 9.08 16.86 3.50
N PRO A 116 8.69 16.94 2.23
CA PRO A 116 9.03 18.03 1.29
C PRO A 116 8.29 19.30 1.54
N LEU A 117 8.88 20.40 1.09
CA LEU A 117 8.31 21.73 1.24
C LEU A 117 7.45 21.94 0.00
N TRP A 118 6.49 22.86 0.07
CA TRP A 118 5.64 23.09 -1.09
C TRP A 118 6.31 24.00 -2.06
N PRO A 119 5.91 23.89 -3.32
CA PRO A 119 6.54 24.76 -4.32
C PRO A 119 6.19 26.24 -4.13
N LYS A 120 6.91 27.09 -4.84
CA LYS A 120 6.69 28.53 -4.80
C LYS A 120 5.28 28.83 -5.30
N GLU A 121 4.36 29.13 -4.41
CA GLU A 121 2.99 29.41 -4.84
C GLU A 121 2.52 30.82 -4.45
N ASN A 122 2.46 31.72 -5.43
CA ASN A 122 2.03 33.09 -5.18
C ASN A 122 0.54 33.09 -5.49
N LEU A 123 -0.27 32.97 -4.44
CA LEU A 123 -1.72 32.91 -4.53
C LEU A 123 -2.43 34.25 -4.52
N ASP A 124 -3.30 34.47 -5.50
CA ASP A 124 -4.04 35.73 -5.59
C ASP A 124 -5.29 35.64 -4.74
N PRO A 125 -5.85 36.79 -4.31
CA PRO A 125 -7.06 36.74 -3.49
C PRO A 125 -8.17 36.18 -4.35
N VAL A 126 -8.87 35.18 -3.82
CA VAL A 126 -9.97 34.52 -4.53
C VAL A 126 -11.29 35.29 -4.38
N VAL A 127 -11.82 35.73 -5.52
CA VAL A 127 -13.05 36.49 -5.53
C VAL A 127 -14.11 35.69 -6.23
N VAL A 128 -15.16 35.34 -5.49
CA VAL A 128 -16.24 34.54 -6.05
C VAL A 128 -17.60 35.06 -5.60
N GLN A 129 -18.61 34.86 -6.44
CA GLN A 129 -19.98 35.31 -6.12
C GLN A 129 -20.65 34.38 -5.14
N GLU A 130 -21.53 34.93 -4.31
CA GLU A 130 -22.24 34.17 -3.30
C GLU A 130 -23.14 33.14 -3.97
N GLY A 131 -23.08 31.89 -3.48
CA GLY A 131 -23.89 30.80 -3.99
C GLY A 131 -23.26 29.95 -5.07
N ALA A 132 -22.17 30.46 -5.61
CA ALA A 132 -21.48 29.73 -6.66
C ALA A 132 -20.55 28.68 -6.06
N PRO A 133 -20.39 27.54 -6.78
CA PRO A 133 -19.51 26.46 -6.32
C PRO A 133 -18.09 26.96 -6.29
N LEU A 134 -17.26 26.32 -5.48
CA LEU A 134 -15.86 26.72 -5.32
C LEU A 134 -14.94 25.57 -4.94
N THR A 135 -13.86 25.39 -5.69
CA THR A 135 -12.93 24.31 -5.35
C THR A 135 -11.57 24.91 -5.10
N LEU A 136 -10.99 24.59 -3.95
CA LEU A 136 -9.66 25.09 -3.62
C LEU A 136 -8.72 23.88 -3.60
N GLN A 137 -7.92 23.72 -4.64
CA GLN A 137 -7.02 22.57 -4.69
C GLN A 137 -5.85 22.67 -3.71
N CYS A 138 -5.58 21.58 -3.01
CA CYS A 138 -4.49 21.53 -2.05
C CYS A 138 -3.20 21.15 -2.76
N ASN A 139 -3.24 20.07 -3.55
CA ASN A 139 -2.04 19.59 -4.28
C ASN A 139 -0.81 19.42 -3.41
N PRO A 140 -0.88 18.46 -2.48
CA PRO A 140 0.23 18.22 -1.57
C PRO A 140 1.45 17.60 -2.19
N PRO A 141 2.60 17.78 -1.52
CA PRO A 141 3.89 17.26 -1.95
C PRO A 141 3.93 15.73 -1.75
N PRO A 142 4.80 15.04 -2.49
CA PRO A 142 4.93 13.58 -2.39
C PRO A 142 5.12 13.01 -1.00
N GLY A 143 6.32 12.55 -0.70
CA GLY A 143 6.63 11.97 0.60
C GLY A 143 6.10 10.57 0.86
N LEU A 144 6.84 9.80 1.66
CA LEU A 144 6.43 8.43 2.00
C LEU A 144 6.30 8.32 3.49
N PRO A 145 5.13 7.89 3.96
CA PRO A 145 3.98 7.53 3.13
C PRO A 145 3.15 8.77 2.74
N SER A 146 1.90 8.54 2.32
CA SER A 146 1.01 9.61 1.93
C SER A 146 0.71 10.38 3.22
N PRO A 147 0.80 11.72 3.15
CA PRO A 147 0.56 12.64 4.28
C PRO A 147 -0.92 12.77 4.66
N VAL A 148 -1.22 13.18 5.89
CA VAL A 148 -2.62 13.36 6.32
C VAL A 148 -2.94 14.83 6.08
N ILE A 149 -3.94 15.15 5.25
CA ILE A 149 -4.25 16.56 4.95
C ILE A 149 -5.44 17.13 5.71
N PHE A 150 -5.28 18.34 6.25
CA PHE A 150 -6.35 19.00 7.00
C PHE A 150 -6.29 20.50 6.78
N TRP A 151 -7.42 21.16 6.91
CA TRP A 151 -7.46 22.61 6.69
C TRP A 151 -7.71 23.45 7.90
N MET A 152 -6.80 24.37 8.15
CA MET A 152 -6.90 25.27 9.28
C MET A 152 -6.59 26.67 8.81
N SER A 153 -6.83 27.67 9.65
CA SER A 153 -6.52 29.06 9.29
C SER A 153 -5.03 29.29 9.59
N SER A 154 -4.49 30.37 9.02
CA SER A 154 -3.08 30.68 9.23
C SER A 154 -2.84 31.05 10.67
N SER A 155 -3.91 31.41 11.38
CA SER A 155 -3.76 31.77 12.76
C SER A 155 -4.01 30.52 13.63
N MET A 156 -3.94 29.36 12.98
CA MET A 156 -4.09 28.04 13.59
C MET A 156 -5.43 27.64 14.16
N GLU A 157 -6.50 28.28 13.68
CA GLU A 157 -7.86 27.97 14.13
C GLU A 157 -8.42 26.93 13.17
N PRO A 158 -9.01 25.84 13.68
CA PRO A 158 -9.56 24.78 12.84
C PRO A 158 -10.81 25.19 12.10
N ILE A 159 -10.97 24.70 10.87
CA ILE A 159 -12.14 25.06 10.07
C ILE A 159 -13.19 23.98 10.24
N THR A 160 -14.43 24.37 10.55
CA THR A 160 -15.52 23.41 10.75
C THR A 160 -16.06 22.96 9.40
N GLN A 161 -16.30 21.66 9.29
CA GLN A 161 -16.83 21.06 8.08
C GLN A 161 -18.26 20.52 8.27
N ASP A 162 -19.02 20.53 7.19
CA ASP A 162 -20.42 20.11 7.19
C ASP A 162 -20.85 19.60 5.82
N LYS A 163 -22.16 19.45 5.65
CA LYS A 163 -22.69 18.98 4.39
C LYS A 163 -22.35 19.95 3.26
N ARG A 164 -22.22 21.24 3.56
CA ARG A 164 -21.94 22.24 2.54
C ARG A 164 -20.47 22.38 2.23
N VAL A 165 -19.64 22.25 3.27
CA VAL A 165 -18.20 22.36 3.09
C VAL A 165 -17.37 21.26 3.72
N SER A 166 -16.61 20.55 2.90
CA SER A 166 -15.76 19.47 3.38
C SER A 166 -14.65 19.17 2.38
N GLN A 167 -13.65 18.41 2.81
CA GLN A 167 -12.54 18.10 1.89
C GLN A 167 -12.64 16.70 1.33
N GLY A 168 -11.99 16.52 0.19
CA GLY A 168 -12.00 15.23 -0.48
C GLY A 168 -10.81 14.39 -0.04
N HIS A 169 -10.66 13.23 -0.64
CA HIS A 169 -9.57 12.37 -0.25
C HIS A 169 -8.31 13.01 -0.83
N ASN A 170 -8.44 13.61 -2.00
CA ASN A 170 -7.30 14.24 -2.67
C ASN A 170 -6.78 15.43 -1.91
N GLY A 171 -7.54 15.82 -0.86
CA GLY A 171 -7.17 16.93 -0.01
C GLY A 171 -7.76 18.28 -0.38
N ASP A 172 -8.33 18.37 -1.57
CA ASP A 172 -8.91 19.62 -2.03
C ASP A 172 -10.11 20.00 -1.17
N LEU A 173 -10.32 21.29 -0.92
CA LEU A 173 -11.47 21.72 -0.12
C LEU A 173 -12.63 22.15 -0.99
N TYR A 174 -13.81 21.58 -0.78
CA TYR A 174 -14.96 21.92 -1.63
C TYR A 174 -16.08 22.72 -0.99
N PHE A 175 -16.58 23.69 -1.76
CA PHE A 175 -17.70 24.51 -1.32
C PHE A 175 -18.89 24.22 -2.22
N SER A 176 -19.99 23.77 -1.64
CA SER A 176 -21.15 23.47 -2.46
C SER A 176 -21.64 24.82 -2.95
N ASN A 177 -21.67 25.76 -2.03
CA ASN A 177 -22.09 27.10 -2.34
C ASN A 177 -21.47 28.00 -1.26
N VAL A 178 -20.81 29.06 -1.73
CA VAL A 178 -20.14 30.04 -0.88
C VAL A 178 -21.06 31.05 -0.21
N MET A 179 -20.92 31.21 1.10
CA MET A 179 -21.73 32.15 1.86
C MET A 179 -20.94 33.37 2.33
N LEU A 180 -21.59 34.53 2.46
CA LEU A 180 -20.85 35.73 2.86
C LEU A 180 -20.21 35.60 4.23
N GLN A 181 -20.43 34.47 4.90
CA GLN A 181 -19.84 34.29 6.22
C GLN A 181 -18.56 33.42 6.16
N ASP A 182 -18.13 33.14 4.93
CA ASP A 182 -16.93 32.37 4.68
C ASP A 182 -15.73 33.33 4.78
N MET A 183 -15.97 34.63 4.70
CA MET A 183 -14.89 35.57 4.75
C MET A 183 -14.38 35.77 6.14
N GLN A 184 -14.81 34.92 7.07
CA GLN A 184 -14.34 35.08 8.45
C GLN A 184 -12.91 34.60 8.72
N THR A 185 -12.53 33.46 8.11
CA THR A 185 -11.19 32.90 8.29
C THR A 185 -10.59 32.54 6.94
N ASP A 186 -9.27 32.62 6.83
CA ASP A 186 -8.61 32.26 5.58
C ASP A 186 -8.36 30.75 5.52
N TYR A 187 -7.86 30.29 4.39
CA TYR A 187 -7.65 28.88 4.25
C TYR A 187 -6.27 28.37 3.84
N SER A 188 -5.64 27.63 4.74
CA SER A 188 -4.32 27.10 4.49
C SER A 188 -4.27 25.58 4.59
N CYS A 189 -3.83 24.90 3.53
CA CYS A 189 -3.74 23.44 3.53
C CYS A 189 -2.53 22.96 4.33
N ASN A 190 -2.74 22.01 5.22
CA ASN A 190 -1.67 21.45 6.04
C ASN A 190 -1.37 19.99 5.70
N ALA A 191 -0.09 19.67 5.67
CA ALA A 191 0.34 18.32 5.34
C ALA A 191 1.08 17.64 6.48
N ARG A 192 0.41 16.85 7.30
CA ARG A 192 1.08 16.20 8.41
C ARG A 192 1.63 14.88 7.94
N PHE A 193 2.86 14.59 8.36
CA PHE A 193 3.51 13.34 8.01
C PHE A 193 3.54 12.35 9.16
N HIS A 194 3.09 11.14 8.86
CA HIS A 194 3.03 10.07 9.85
C HIS A 194 4.31 9.71 10.62
N PHE A 195 5.37 9.36 9.91
CA PHE A 195 6.61 8.97 10.56
C PHE A 195 7.21 10.05 11.38
N THR A 196 7.77 11.03 10.69
CA THR A 196 8.34 12.16 11.41
C THR A 196 7.25 13.19 11.62
N HIS A 197 7.05 13.58 12.86
CA HIS A 197 6.03 14.54 13.15
C HIS A 197 6.42 15.88 12.52
N THR A 198 5.92 16.14 11.32
CA THR A 198 6.25 17.39 10.63
C THR A 198 5.00 17.85 9.94
N ILE A 199 4.61 19.11 10.03
CA ILE A 199 3.44 19.57 9.29
C ILE A 199 3.96 20.57 8.28
N GLN A 200 3.51 20.53 7.04
CA GLN A 200 3.97 21.48 6.05
C GLN A 200 2.78 22.29 5.64
N GLN A 201 2.91 23.61 5.53
CA GLN A 201 1.76 24.43 5.13
C GLN A 201 1.99 25.24 3.87
N LYS A 202 0.88 25.55 3.18
CA LYS A 202 1.00 26.35 1.98
C LYS A 202 0.37 27.71 2.25
N ASN A 203 0.62 28.68 1.40
CA ASN A 203 0.03 29.99 1.62
C ASN A 203 -1.51 29.96 1.70
N PRO A 204 -2.09 30.80 2.58
CA PRO A 204 -3.52 30.90 2.80
C PRO A 204 -4.26 31.45 1.63
N PHE A 205 -5.52 31.04 1.49
CA PHE A 205 -6.37 31.54 0.41
C PHE A 205 -7.26 32.58 1.10
N THR A 206 -7.50 33.72 0.44
CA THR A 206 -8.36 34.75 1.01
C THR A 206 -9.62 34.79 0.17
N LEU A 207 -10.78 34.83 0.82
CA LEU A 207 -12.03 34.89 0.07
C LEU A 207 -12.68 36.27 0.02
N LYS A 208 -13.29 36.55 -1.12
CA LYS A 208 -13.99 37.81 -1.32
C LYS A 208 -15.35 37.37 -1.89
N VAL A 209 -16.36 37.34 -1.03
CA VAL A 209 -17.66 36.95 -1.50
C VAL A 209 -18.45 38.17 -1.96
N LEU A 210 -19.06 38.01 -3.14
CA LEU A 210 -19.83 39.06 -3.76
C LEU A 210 -21.33 38.94 -3.59
N THR A 211 -21.97 40.02 -3.15
CA THR A 211 -23.42 40.02 -2.98
C THR A 211 -24.08 40.72 -4.17
N THR A 212 -24.84 39.97 -4.96
CA THR A 212 -25.53 40.54 -6.12
C THR A 212 -26.94 40.94 -5.75
N ARG A 213 -27.74 39.96 -5.39
CA ARG A 213 -29.12 40.19 -4.99
C ARG A 213 -29.34 39.41 -3.69
N GLY A 214 -28.98 38.12 -3.76
CA GLY A 214 -29.11 37.20 -2.64
C GLY A 214 -28.43 35.89 -3.00
N VAL A 215 -29.21 34.81 -3.09
CA VAL A 215 -28.64 33.50 -3.43
C VAL A 215 -29.55 32.78 -4.42
N ALA A 216 -29.20 32.82 -5.70
CA ALA A 216 -30.05 32.16 -6.70
C ALA A 216 -30.02 30.67 -6.56
N GLU A 217 -31.15 30.01 -6.71
CA GLU A 217 -31.19 28.55 -6.58
C GLU A 217 -30.93 27.84 -7.90
N ARG A 218 -30.13 26.78 -7.89
CA ARG A 218 -29.84 26.02 -9.13
C ARG A 218 -29.81 24.50 -8.92
N THR A 219 -30.00 23.73 -10.00
CA THR A 219 -29.99 22.28 -9.88
C THR A 219 -28.59 21.83 -9.45
N PRO A 220 -28.48 20.64 -8.83
CA PRO A 220 -27.18 20.11 -8.37
C PRO A 220 -26.30 19.65 -9.52
N SER A 221 -25.00 19.64 -9.28
CA SER A 221 -24.03 19.23 -10.27
C SER A 221 -22.80 18.77 -9.54
N PHE A 222 -22.23 17.64 -9.96
CA PHE A 222 -21.05 17.10 -9.30
C PHE A 222 -19.80 17.90 -9.54
N MET A 223 -19.06 18.17 -8.46
CA MET A 223 -17.80 18.91 -8.51
C MET A 223 -16.60 18.02 -8.65
N TYR A 224 -16.35 17.15 -7.67
CA TYR A 224 -15.18 16.30 -7.71
C TYR A 224 -15.14 15.24 -8.80
N PRO A 225 -16.16 14.40 -8.86
CA PRO A 225 -15.95 13.47 -9.97
C PRO A 225 -16.37 14.13 -11.30
N GLN A 226 -15.39 14.27 -12.18
CA GLN A 226 -15.55 14.91 -13.48
C GLN A 226 -16.41 14.13 -14.47
N GLY A 227 -17.65 14.57 -14.64
CA GLY A 227 -18.52 13.90 -15.58
C GLY A 227 -19.65 13.12 -14.94
N THR A 228 -20.21 12.21 -15.70
CA THR A 228 -21.31 11.40 -15.21
C THR A 228 -20.80 10.08 -14.62
N ALA A 229 -19.57 9.73 -14.98
CA ALA A 229 -18.96 8.49 -14.54
C ALA A 229 -17.42 8.50 -14.29
N SER A 230 -17.02 7.70 -13.30
CA SER A 230 -15.62 7.56 -12.90
C SER A 230 -15.31 6.08 -12.69
N SER A 231 -14.10 5.66 -13.07
CA SER A 231 -13.67 4.26 -12.93
C SER A 231 -12.58 4.09 -11.86
N GLN A 232 -12.70 3.05 -11.03
CA GLN A 232 -11.71 2.76 -9.98
C GLN A 232 -11.36 1.29 -9.92
N MET A 233 -10.07 1.00 -9.70
CA MET A 233 -9.52 -0.35 -9.59
C MET A 233 -9.01 -0.42 -8.16
N VAL A 234 -9.47 -1.41 -7.40
CA VAL A 234 -9.05 -1.57 -6.02
C VAL A 234 -8.61 -2.97 -5.74
N LEU A 235 -7.46 -3.15 -5.10
CA LEU A 235 -6.97 -4.50 -4.81
C LEU A 235 -7.67 -5.17 -3.60
N ARG A 236 -7.81 -6.50 -3.62
CA ARG A 236 -8.43 -7.27 -2.54
C ARG A 236 -7.78 -7.04 -1.20
N GLY A 237 -8.58 -6.78 -0.17
CA GLY A 237 -8.02 -6.54 1.16
C GLY A 237 -7.93 -5.07 1.50
N MET A 238 -7.47 -4.28 0.53
CA MET A 238 -7.35 -2.85 0.72
C MET A 238 -8.77 -2.30 0.79
N ASP A 239 -8.91 -1.12 1.40
CA ASP A 239 -10.20 -0.43 1.56
C ASP A 239 -10.58 0.26 0.26
N LEU A 240 -11.87 0.44 0.07
CA LEU A 240 -12.38 1.03 -1.17
C LEU A 240 -13.22 2.25 -0.90
N LEU A 241 -12.73 3.41 -1.33
CA LEU A 241 -13.47 4.67 -1.12
C LEU A 241 -14.09 5.21 -2.37
N LEU A 242 -15.33 5.63 -2.21
CA LEU A 242 -16.10 6.19 -3.29
C LEU A 242 -16.49 7.59 -2.83
N GLU A 243 -16.28 8.60 -3.66
CA GLU A 243 -16.65 9.96 -3.26
C GLU A 243 -17.53 10.67 -4.25
N CYS A 244 -18.58 11.30 -3.72
CA CYS A 244 -19.55 12.07 -4.51
C CYS A 244 -19.70 13.46 -3.92
N ILE A 245 -19.08 14.47 -4.52
CA ILE A 245 -19.25 15.80 -3.96
C ILE A 245 -20.02 16.57 -5.01
N ALA A 246 -21.10 17.25 -4.60
CA ALA A 246 -21.95 18.02 -5.53
C ALA A 246 -22.25 19.44 -5.05
N SER A 247 -22.42 20.37 -5.99
CA SER A 247 -22.73 21.77 -5.66
C SER A 247 -24.20 22.08 -5.96
N GLY A 248 -24.92 22.57 -4.95
CA GLY A 248 -26.32 22.89 -5.11
C GLY A 248 -26.64 24.12 -4.30
N VAL A 249 -27.90 24.51 -4.19
CA VAL A 249 -28.20 25.71 -3.41
C VAL A 249 -28.69 25.30 -2.05
N PRO A 250 -29.70 24.43 -2.03
CA PRO A 250 -30.18 24.03 -0.71
C PRO A 250 -29.22 22.92 -0.25
N THR A 251 -28.12 22.80 -1.00
CA THR A 251 -27.07 21.82 -0.76
C THR A 251 -27.58 20.38 -0.95
N PRO A 252 -27.08 19.69 -1.97
CA PRO A 252 -27.43 18.32 -2.31
C PRO A 252 -27.18 17.29 -1.23
N ASP A 253 -28.08 16.32 -1.10
CA ASP A 253 -27.97 15.25 -0.12
C ASP A 253 -27.57 14.01 -0.91
N ILE A 254 -26.47 13.38 -0.52
CA ILE A 254 -26.03 12.20 -1.26
C ILE A 254 -26.56 10.91 -0.69
N ALA A 255 -27.03 10.05 -1.59
CA ALA A 255 -27.59 8.76 -1.23
C ALA A 255 -26.88 7.71 -2.05
N TRP A 256 -26.35 6.70 -1.39
CA TRP A 256 -25.62 5.66 -2.11
C TRP A 256 -26.42 4.41 -2.46
N TYR A 257 -26.08 3.83 -3.61
CA TYR A 257 -26.77 2.65 -4.06
C TYR A 257 -25.82 1.80 -4.88
N LYS A 258 -26.18 0.53 -5.08
CA LYS A 258 -25.41 -0.41 -5.88
C LYS A 258 -26.38 -1.03 -6.89
N LYS A 259 -25.91 -1.23 -8.11
CA LYS A 259 -26.77 -1.82 -9.12
C LYS A 259 -26.92 -3.34 -8.94
N GLY A 260 -28.15 -3.81 -8.76
CA GLY A 260 -28.40 -5.24 -8.60
C GLY A 260 -28.02 -5.78 -7.25
N GLY A 261 -28.58 -5.20 -6.20
CA GLY A 261 -28.26 -5.66 -4.86
C GLY A 261 -28.01 -4.52 -3.90
N ASP A 262 -28.13 -4.80 -2.61
CA ASP A 262 -27.92 -3.79 -1.58
C ASP A 262 -26.42 -3.75 -1.22
N LEU A 263 -26.02 -2.71 -0.52
CA LEU A 263 -24.63 -2.54 -0.09
C LEU A 263 -24.39 -3.39 1.17
N PRO A 264 -23.18 -3.97 1.33
CA PRO A 264 -22.87 -4.81 2.50
C PRO A 264 -23.09 -4.07 3.80
N SER A 265 -24.21 -4.32 4.48
CA SER A 265 -24.54 -3.61 5.74
C SER A 265 -23.48 -3.65 6.83
N ASP A 266 -22.74 -4.74 6.90
CA ASP A 266 -21.72 -4.93 7.92
C ASP A 266 -20.34 -4.42 7.47
N LYS A 267 -20.14 -4.44 6.16
CA LYS A 267 -18.86 -4.08 5.55
C LYS A 267 -18.75 -2.68 4.89
N ALA A 268 -19.73 -1.83 5.13
CA ALA A 268 -19.76 -0.49 4.54
C ALA A 268 -20.12 0.58 5.53
N LYS A 269 -19.45 1.71 5.43
CA LYS A 269 -19.74 2.80 6.32
C LYS A 269 -19.68 4.12 5.56
N PHE A 270 -20.49 5.10 6.00
CA PHE A 270 -20.56 6.42 5.39
C PHE A 270 -19.68 7.30 6.21
N GLU A 271 -18.53 7.59 5.64
CA GLU A 271 -17.48 8.35 6.29
C GLU A 271 -17.64 9.84 6.47
N ASN A 272 -17.85 10.55 5.38
CA ASN A 272 -17.96 12.00 5.47
C ASN A 272 -19.33 12.42 5.97
N PHE A 273 -20.02 13.23 5.17
CA PHE A 273 -21.38 13.64 5.53
C PHE A 273 -22.21 13.04 4.38
N ASN A 274 -22.10 11.74 4.30
CA ASN A 274 -22.71 10.87 3.30
C ASN A 274 -22.13 11.16 1.92
N LYS A 275 -21.10 12.01 1.89
CA LYS A 275 -20.46 12.37 0.64
C LYS A 275 -19.52 11.27 0.17
N ALA A 276 -19.07 10.47 1.12
CA ALA A 276 -18.16 9.37 0.81
C ALA A 276 -18.57 8.03 1.43
N LEU A 277 -18.39 6.98 0.65
CA LEU A 277 -18.73 5.61 1.02
C LEU A 277 -17.45 4.79 1.11
N ARG A 278 -17.28 4.06 2.19
CA ARG A 278 -16.09 3.24 2.37
C ARG A 278 -16.42 1.77 2.60
N ILE A 279 -15.93 0.93 1.73
CA ILE A 279 -16.15 -0.49 1.88
C ILE A 279 -14.78 -1.05 2.21
N THR A 280 -14.66 -1.62 3.41
CA THR A 280 -13.40 -2.18 3.86
C THR A 280 -13.17 -3.63 3.50
N ASN A 281 -11.93 -4.01 3.35
CA ASN A 281 -11.63 -5.40 3.06
C ASN A 281 -12.50 -5.85 1.89
N VAL A 282 -12.21 -5.38 0.68
CA VAL A 282 -13.02 -5.79 -0.46
C VAL A 282 -12.66 -7.17 -0.95
N SER A 283 -13.55 -7.78 -1.73
CA SER A 283 -13.36 -9.10 -2.35
C SER A 283 -13.84 -9.03 -3.80
N GLU A 284 -13.81 -10.14 -4.52
CA GLU A 284 -14.26 -10.11 -5.91
C GLU A 284 -15.77 -9.95 -6.04
N GLU A 285 -16.44 -10.10 -4.91
CA GLU A 285 -17.89 -10.00 -4.89
C GLU A 285 -18.34 -8.55 -4.82
N ASP A 286 -17.43 -7.66 -4.43
CA ASP A 286 -17.81 -6.26 -4.32
C ASP A 286 -17.61 -5.48 -5.60
N SER A 287 -17.05 -6.15 -6.59
CA SER A 287 -16.81 -5.57 -7.88
C SER A 287 -18.19 -5.37 -8.54
N GLY A 288 -18.40 -4.19 -9.09
CA GLY A 288 -19.66 -3.91 -9.76
C GLY A 288 -19.81 -2.46 -10.16
N GLU A 289 -21.05 -1.96 -10.19
CA GLU A 289 -21.29 -0.56 -10.50
C GLU A 289 -22.05 0.07 -9.35
N TYR A 290 -21.52 1.14 -8.78
CA TYR A 290 -22.16 1.84 -7.67
C TYR A 290 -22.50 3.23 -8.17
N PHE A 291 -23.46 3.88 -7.55
CA PHE A 291 -23.81 5.22 -8.01
C PHE A 291 -24.40 6.04 -6.88
N CYS A 292 -24.28 7.34 -6.98
CA CYS A 292 -24.85 8.16 -5.94
C CYS A 292 -25.80 9.17 -6.61
N LEU A 293 -26.77 9.64 -5.84
CA LEU A 293 -27.76 10.59 -6.33
C LEU A 293 -27.65 11.87 -5.55
N ALA A 294 -27.56 13.00 -6.25
CA ALA A 294 -27.49 14.24 -5.52
C ALA A 294 -28.87 14.90 -5.51
N SER A 295 -29.67 14.64 -4.48
CA SER A 295 -31.01 15.21 -4.38
C SER A 295 -30.98 16.67 -3.86
N ASN A 296 -31.67 17.53 -4.61
CA ASN A 296 -31.76 18.96 -4.32
C ASN A 296 -33.20 19.40 -4.06
N LYS A 297 -33.80 20.04 -5.06
CA LYS A 297 -35.18 20.48 -4.94
C LYS A 297 -35.66 20.72 -6.33
N MET A 298 -34.81 21.33 -7.17
CA MET A 298 -35.16 21.57 -8.56
C MET A 298 -34.90 20.32 -9.40
N GLY A 299 -33.78 19.67 -9.10
CA GLY A 299 -33.40 18.49 -9.84
C GLY A 299 -32.59 17.50 -9.02
N SER A 300 -32.21 16.41 -9.67
CA SER A 300 -31.46 15.33 -9.04
C SER A 300 -30.67 14.52 -10.09
N ILE A 301 -29.34 14.63 -10.08
CA ILE A 301 -28.53 13.88 -11.05
C ILE A 301 -27.87 12.67 -10.41
N ARG A 302 -27.33 11.83 -11.27
CA ARG A 302 -26.73 10.57 -10.85
C ARG A 302 -25.29 10.38 -11.31
N HIS A 303 -24.49 9.74 -10.45
CA HIS A 303 -23.10 9.45 -10.82
C HIS A 303 -22.79 7.96 -10.71
N THR A 304 -22.44 7.32 -11.84
CA THR A 304 -22.11 5.91 -11.81
C THR A 304 -20.59 5.65 -11.77
N ILE A 305 -20.16 4.94 -10.73
CA ILE A 305 -18.78 4.55 -10.54
C ILE A 305 -18.59 3.06 -10.84
N SER A 306 -17.74 2.75 -11.81
CA SER A 306 -17.44 1.37 -12.15
C SER A 306 -16.22 0.96 -11.33
N VAL A 307 -16.42 -0.02 -10.46
CA VAL A 307 -15.37 -0.53 -9.58
C VAL A 307 -14.98 -1.96 -9.91
N ARG A 308 -13.76 -2.17 -10.42
CA ARG A 308 -13.31 -3.52 -10.71
C ARG A 308 -12.26 -3.85 -9.64
N VAL A 309 -12.27 -5.09 -9.15
CA VAL A 309 -11.37 -5.54 -8.09
C VAL A 309 -10.38 -6.60 -8.51
N LYS A 310 -9.09 -6.35 -8.30
CA LYS A 310 -8.07 -7.31 -8.67
C LYS A 310 -7.58 -7.86 -7.37
N ALA A 311 -6.60 -8.77 -7.43
CA ALA A 311 -6.06 -9.32 -6.20
C ALA A 311 -4.59 -9.72 -6.22
N ALA A 312 -3.89 -9.36 -5.14
CA ALA A 312 -2.47 -9.69 -4.99
C ALA A 312 -2.52 -11.15 -4.55
N PRO A 313 -1.61 -11.97 -5.04
CA PRO A 313 -1.64 -13.38 -4.66
C PRO A 313 -1.86 -13.70 -3.22
N TYR A 314 -2.75 -14.65 -2.97
CA TYR A 314 -2.98 -15.09 -1.60
C TYR A 314 -3.00 -16.62 -1.65
N TRP A 315 -2.47 -17.25 -0.60
CA TRP A 315 -2.42 -18.73 -0.56
C TRP A 315 -3.75 -19.47 -0.51
N LEU A 316 -3.85 -20.50 -1.35
CA LEU A 316 -5.02 -21.35 -1.39
C LEU A 316 -4.50 -22.59 -0.67
N ASP A 317 -3.23 -22.90 -0.93
CA ASP A 317 -2.53 -24.03 -0.33
C ASP A 317 -1.02 -23.74 -0.36
N GLU A 318 -0.47 -23.26 0.76
CA GLU A 318 0.96 -22.94 0.86
C GLU A 318 1.82 -24.15 0.98
N PRO A 319 2.94 -24.20 0.25
CA PRO A 319 3.86 -25.33 0.28
C PRO A 319 4.39 -25.59 1.67
N LYS A 320 4.32 -26.87 2.09
CA LYS A 320 4.74 -27.30 3.42
C LYS A 320 6.04 -28.08 3.40
N ASN A 321 6.69 -28.12 4.54
CA ASN A 321 7.97 -28.81 4.69
C ASN A 321 7.84 -30.31 4.63
N LEU A 322 8.88 -30.94 4.09
CA LEU A 322 8.93 -32.39 3.97
C LEU A 322 9.94 -33.02 4.94
N ILE A 323 9.46 -33.89 5.81
CA ILE A 323 10.35 -34.59 6.72
C ILE A 323 10.12 -36.08 6.40
N LEU A 324 10.86 -36.59 5.42
CA LEU A 324 10.74 -37.98 4.96
C LEU A 324 11.81 -38.96 5.42
N ALA A 325 11.53 -40.25 5.21
CA ALA A 325 12.45 -41.33 5.52
C ALA A 325 13.05 -41.70 4.16
N PRO A 326 14.33 -42.10 4.13
CA PRO A 326 14.98 -42.46 2.87
C PRO A 326 14.30 -43.60 2.13
N GLY A 327 13.66 -43.26 1.03
CA GLY A 327 12.97 -44.27 0.25
C GLY A 327 11.50 -43.95 0.11
N GLU A 328 10.95 -43.12 1.00
CA GLU A 328 9.53 -42.76 0.96
C GLU A 328 9.33 -41.55 0.07
N ASP A 329 8.13 -41.44 -0.47
CA ASP A 329 7.74 -40.35 -1.37
C ASP A 329 7.05 -39.13 -0.71
N GLY A 330 7.29 -37.96 -1.29
CA GLY A 330 6.69 -36.73 -0.79
C GLY A 330 6.47 -35.67 -1.88
N ARG A 331 5.64 -34.69 -1.61
CA ARG A 331 5.35 -33.68 -2.62
C ARG A 331 5.44 -32.24 -2.13
N LEU A 332 5.77 -31.32 -3.03
CA LEU A 332 5.81 -29.90 -2.68
C LEU A 332 4.79 -29.22 -3.58
N VAL A 333 3.61 -28.90 -3.04
CA VAL A 333 2.60 -28.24 -3.87
C VAL A 333 2.50 -26.78 -3.47
N CYS A 334 2.58 -25.91 -4.47
CA CYS A 334 2.51 -24.47 -4.27
C CYS A 334 1.48 -23.83 -5.19
N ARG A 335 0.32 -23.52 -4.64
CA ARG A 335 -0.73 -22.88 -5.45
C ARG A 335 -1.44 -21.71 -4.70
N ALA A 336 -1.67 -20.61 -5.42
CA ALA A 336 -2.31 -19.44 -4.84
C ALA A 336 -3.28 -18.79 -5.84
N ASN A 337 -4.37 -18.24 -5.33
CA ASN A 337 -5.33 -17.60 -6.22
C ASN A 337 -4.91 -16.15 -6.39
N GLY A 338 -5.21 -15.57 -7.55
CA GLY A 338 -4.85 -14.19 -7.77
C GLY A 338 -5.47 -13.66 -9.03
N ASN A 339 -5.63 -12.35 -9.13
CA ASN A 339 -6.22 -11.71 -10.31
C ASN A 339 -5.38 -10.53 -10.82
N PRO A 340 -4.72 -10.67 -11.99
CA PRO A 340 -4.72 -11.85 -12.87
C PRO A 340 -4.00 -13.12 -12.33
N LYS A 341 -4.12 -14.26 -13.03
CA LYS A 341 -3.48 -15.49 -12.61
C LYS A 341 -1.99 -15.35 -12.43
N PRO A 342 -1.52 -15.73 -11.23
CA PRO A 342 -0.12 -15.68 -10.84
C PRO A 342 0.78 -16.75 -11.46
N THR A 343 2.00 -16.33 -11.86
CA THR A 343 3.02 -17.17 -12.47
C THR A 343 3.75 -17.90 -11.35
N VAL A 344 4.22 -19.13 -11.60
CA VAL A 344 4.98 -19.84 -10.58
C VAL A 344 6.42 -20.01 -11.04
N GLN A 345 7.38 -19.78 -10.13
CA GLN A 345 8.81 -19.92 -10.42
C GLN A 345 9.52 -20.59 -9.23
N TRP A 346 10.15 -21.73 -9.48
CA TRP A 346 10.87 -22.43 -8.41
C TRP A 346 12.36 -22.15 -8.42
N MET A 347 12.93 -22.09 -7.23
CA MET A 347 14.34 -21.82 -7.12
C MET A 347 14.93 -22.75 -6.10
N VAL A 348 16.10 -23.31 -6.41
CA VAL A 348 16.75 -24.19 -5.44
C VAL A 348 17.92 -23.44 -4.84
N ASN A 349 17.83 -23.19 -3.55
CA ASN A 349 18.88 -22.48 -2.89
C ASN A 349 19.12 -21.14 -3.55
N GLY A 350 18.09 -20.55 -4.10
CA GLY A 350 18.29 -19.25 -4.69
C GLY A 350 18.70 -19.33 -6.14
N GLU A 351 19.07 -20.52 -6.58
CA GLU A 351 19.48 -20.67 -7.97
C GLU A 351 18.28 -21.16 -8.76
N PRO A 352 18.05 -20.55 -9.93
CA PRO A 352 16.92 -20.94 -10.78
C PRO A 352 16.84 -22.45 -10.96
N LEU A 353 15.64 -23.01 -11.03
CA LEU A 353 15.54 -24.45 -11.20
C LEU A 353 15.90 -24.91 -12.59
N GLN A 354 15.89 -24.01 -13.56
CA GLN A 354 16.24 -24.38 -14.92
C GLN A 354 17.77 -24.61 -15.02
N SER A 355 18.54 -23.95 -14.16
CA SER A 355 20.00 -24.06 -14.19
C SER A 355 20.55 -24.81 -12.97
N ALA A 356 19.67 -25.36 -12.16
CA ALA A 356 20.11 -26.07 -10.97
C ALA A 356 20.74 -27.43 -11.25
N PRO A 357 21.57 -27.92 -10.30
CA PRO A 357 22.23 -29.21 -10.43
C PRO A 357 21.18 -30.32 -10.49
N PRO A 358 21.33 -31.25 -11.44
CA PRO A 358 20.39 -32.37 -11.63
C PRO A 358 20.17 -33.26 -10.38
N ASN A 359 19.02 -33.91 -10.34
CA ASN A 359 18.64 -34.78 -9.22
C ASN A 359 17.65 -35.77 -9.81
N PRO A 360 17.99 -37.06 -9.78
CA PRO A 360 17.17 -38.13 -10.31
C PRO A 360 15.96 -38.43 -9.46
N ASN A 361 15.94 -37.96 -8.21
CA ASN A 361 14.80 -38.20 -7.32
C ASN A 361 13.76 -37.10 -7.37
N ARG A 362 14.04 -36.06 -8.15
CA ARG A 362 13.17 -34.90 -8.27
C ARG A 362 12.39 -34.82 -9.56
N GLU A 363 11.10 -34.49 -9.42
CA GLU A 363 10.17 -34.34 -10.54
C GLU A 363 9.42 -32.98 -10.48
N VAL A 364 9.54 -32.16 -11.53
CA VAL A 364 8.84 -30.86 -11.55
C VAL A 364 7.69 -30.84 -12.52
N ALA A 365 6.49 -30.66 -11.97
CA ALA A 365 5.29 -30.63 -12.81
C ALA A 365 4.75 -29.21 -12.86
N GLY A 366 5.66 -28.25 -12.96
CA GLY A 366 5.25 -26.86 -13.03
C GLY A 366 4.92 -26.26 -11.68
N ASP A 367 3.72 -26.56 -11.18
CA ASP A 367 3.24 -26.04 -9.89
C ASP A 367 3.55 -26.99 -8.77
N THR A 368 3.92 -28.22 -9.11
CA THR A 368 4.25 -29.23 -8.10
C THR A 368 5.56 -29.97 -8.28
N ILE A 369 6.31 -30.10 -7.21
CA ILE A 369 7.56 -30.83 -7.28
C ILE A 369 7.38 -32.12 -6.46
N ILE A 370 7.31 -33.27 -7.13
CA ILE A 370 7.10 -34.52 -6.43
C ILE A 370 8.39 -35.30 -6.31
N PHE A 371 8.63 -35.86 -5.14
CA PHE A 371 9.85 -36.62 -4.90
C PHE A 371 9.58 -38.11 -4.74
N ARG A 372 10.28 -38.95 -5.50
CA ARG A 372 10.11 -40.41 -5.40
C ARG A 372 11.44 -41.09 -4.95
N ASP A 373 11.39 -41.94 -3.93
CA ASP A 373 12.57 -42.61 -3.36
C ASP A 373 13.61 -41.58 -2.94
N THR A 374 13.17 -40.64 -2.11
CA THR A 374 14.06 -39.58 -1.69
C THR A 374 15.24 -40.09 -0.91
N GLN A 375 16.43 -39.57 -1.24
CA GLN A 375 17.69 -39.95 -0.61
C GLN A 375 18.48 -38.77 -0.02
N ILE A 376 19.60 -39.07 0.62
CA ILE A 376 20.43 -38.03 1.23
C ILE A 376 21.19 -37.29 0.14
N SER A 377 20.46 -36.56 -0.68
CA SER A 377 21.12 -35.83 -1.76
C SER A 377 20.12 -34.85 -2.29
N SER A 378 18.85 -35.08 -1.96
CA SER A 378 17.77 -34.21 -2.41
C SER A 378 17.45 -33.17 -1.33
N ARG A 379 18.27 -33.14 -0.29
CA ARG A 379 18.08 -32.22 0.81
C ARG A 379 18.46 -30.82 0.32
N ALA A 380 17.52 -29.91 0.54
CA ALA A 380 17.65 -28.52 0.13
C ALA A 380 16.36 -27.77 0.44
N VAL A 381 16.39 -26.46 0.28
CA VAL A 381 15.20 -25.64 0.46
C VAL A 381 14.80 -25.11 -0.89
N TYR A 382 13.51 -25.26 -1.18
CA TYR A 382 12.98 -24.81 -2.43
C TYR A 382 12.12 -23.55 -2.22
N GLN A 383 12.21 -22.65 -3.20
CA GLN A 383 11.50 -21.39 -3.21
C GLN A 383 10.47 -21.40 -4.28
N CYS A 384 9.30 -20.86 -3.94
CA CYS A 384 8.18 -20.73 -4.86
C CYS A 384 7.80 -19.24 -4.92
N ASN A 385 8.01 -18.60 -6.07
CA ASN A 385 7.70 -17.16 -6.23
C ASN A 385 6.47 -17.02 -7.17
N THR A 386 5.28 -16.78 -6.60
CA THR A 386 4.04 -16.60 -7.37
C THR A 386 4.00 -15.13 -7.84
N SER A 387 4.61 -14.88 -8.98
CA SER A 387 4.71 -13.56 -9.59
C SER A 387 3.39 -13.06 -10.20
N ASN A 388 2.95 -11.90 -9.75
CA ASN A 388 1.72 -11.30 -10.21
C ASN A 388 1.96 -9.84 -10.48
N GLU A 389 1.13 -9.25 -11.32
CA GLU A 389 1.28 -7.83 -11.61
C GLU A 389 1.05 -6.96 -10.36
N HIS A 390 0.35 -7.49 -9.36
CA HIS A 390 0.09 -6.68 -8.17
C HIS A 390 0.88 -7.05 -6.93
N GLY A 391 1.74 -8.04 -7.08
CA GLY A 391 2.52 -8.47 -5.94
C GLY A 391 2.96 -9.90 -6.07
N TYR A 392 3.54 -10.43 -4.99
CA TYR A 392 4.05 -11.80 -4.99
C TYR A 392 3.98 -12.44 -3.60
N LEU A 393 4.29 -13.72 -3.54
CA LEU A 393 4.35 -14.44 -2.27
C LEU A 393 5.58 -15.36 -2.37
N LEU A 394 6.66 -15.02 -1.68
CA LEU A 394 7.85 -15.86 -1.75
C LEU A 394 7.67 -16.95 -0.68
N ALA A 395 7.86 -18.19 -1.08
CA ALA A 395 7.71 -19.30 -0.14
C ALA A 395 9.00 -20.10 0.12
N ASN A 396 9.08 -20.67 1.33
CA ASN A 396 10.23 -21.50 1.72
C ASN A 396 9.77 -22.85 2.19
N ALA A 397 10.31 -23.88 1.58
CA ALA A 397 9.96 -25.22 1.97
C ALA A 397 11.20 -26.07 1.83
N PHE A 398 11.55 -26.83 2.86
CA PHE A 398 12.73 -27.67 2.78
C PHE A 398 12.41 -29.16 2.67
N VAL A 399 13.40 -29.93 2.19
CA VAL A 399 13.28 -31.38 2.05
C VAL A 399 14.40 -31.97 2.92
N SER A 400 14.03 -32.71 3.96
CA SER A 400 15.04 -33.33 4.80
C SER A 400 14.76 -34.83 5.02
N VAL A 401 15.81 -35.64 4.86
CA VAL A 401 15.72 -37.07 5.04
C VAL A 401 16.59 -37.54 6.20
N LEU A 402 16.20 -38.65 6.81
CA LEU A 402 16.87 -39.21 7.97
C LEU A 402 18.15 -39.99 7.70
C1 NAG B . 9.00 -12.82 -8.04
C2 NAG B . 10.10 -12.13 -7.24
C3 NAG B . 9.88 -10.62 -7.27
C4 NAG B . 9.81 -10.12 -8.71
C5 NAG B . 8.78 -10.93 -9.52
C6 NAG B . 8.79 -10.59 -11.00
C7 NAG B . 11.22 -12.61 -5.14
C8 NAG B . 11.25 -11.69 -3.94
N2 NAG B . 10.10 -12.61 -5.86
O3 NAG B . 10.97 -9.97 -6.59
O4 NAG B . 9.43 -8.75 -8.71
O5 NAG B . 9.03 -12.36 -9.39
O6 NAG B . 10.06 -10.87 -11.59
O7 NAG B . 12.20 -13.31 -5.42
#